data_4XIC
#
_entry.id   4XIC
#
_cell.length_a   96.539
_cell.length_b   96.539
_cell.length_c   89.546
_cell.angle_alpha   90.00
_cell.angle_beta   90.00
_cell.angle_gamma   90.00
#
_symmetry.space_group_name_H-M   'P 43 21 2'
#
loop_
_entity.id
_entity.type
_entity.pdbx_description
1 polymer 'Homeotic protein antennapedia'
2 polymer "DNA (5'-D(*AP*GP*AP*AP*AP*GP*CP*(C2S)P*AP*TP*TP*AP*GP*AP*G)-3')"
3 polymer "DNA (5'-D(*TP*CP*TP*CP*TP*AP*AP*TP*GP*GP*CP*TP*TP*TP*C)-3')"
4 non-polymer 'NICKEL (II) ION'
5 non-polymer (4S)-2-METHYL-2,4-PENTANEDIOL
6 water water
#
loop_
_entity_poly.entity_id
_entity_poly.type
_entity_poly.pdbx_seq_one_letter_code
_entity_poly.pdbx_strand_id
1 'polypeptide(L)' MRKRGRQTYTRYQTLELEKEFHFNRYLTRRRRIEIAHALSLTERQIKIWFQNRRMKWKKEN A,D
2 'polydeoxyribonucleotide' (DA)(DG)(DA)(DA)(DA)(DG)(DC)(C2S)(DA)(DT)(DT)(DA)(DG)(DA)(DG) B,E
3 'polydeoxyribonucleotide' (DT)(DC)(DT)(DC)(DT)(DA)(DA)(DT)(DG)(DG)(DC)(DT)(DT)(DT)(DC) C,F
#
# COMPACT_ATOMS: atom_id res chain seq x y z
N LYS A 3 -34.25 23.61 -5.48
CA LYS A 3 -34.07 23.77 -4.05
C LYS A 3 -32.58 23.81 -3.68
N ARG A 4 -31.95 22.64 -3.57
CA ARG A 4 -30.54 22.53 -3.22
C ARG A 4 -29.67 22.08 -4.39
N GLY A 5 -30.02 20.98 -5.05
CA GLY A 5 -29.27 20.55 -6.20
C GLY A 5 -28.50 19.26 -5.93
N ARG A 6 -28.32 18.47 -6.99
CA ARG A 6 -27.62 17.21 -6.85
C ARG A 6 -27.10 16.76 -8.22
N GLN A 7 -25.84 16.37 -8.26
CA GLN A 7 -25.18 15.93 -9.47
C GLN A 7 -24.96 14.42 -9.39
N THR A 8 -25.35 13.70 -10.44
CA THR A 8 -25.23 12.25 -10.45
C THR A 8 -23.94 11.88 -11.18
N TYR A 9 -23.17 10.99 -10.57
CA TYR A 9 -21.83 10.70 -11.08
C TYR A 9 -21.90 9.69 -12.22
N THR A 10 -21.16 9.97 -13.29
CA THR A 10 -21.17 9.12 -14.47
C THR A 10 -20.62 7.74 -14.13
N ARG A 11 -20.74 6.83 -15.09
CA ARG A 11 -20.17 5.50 -14.88
C ARG A 11 -18.66 5.58 -14.78
N TYR A 12 -18.04 6.47 -15.57
CA TYR A 12 -16.60 6.61 -15.55
C TYR A 12 -16.13 7.14 -14.21
N GLN A 13 -16.76 8.22 -13.74
CA GLN A 13 -16.37 8.82 -12.47
C GLN A 13 -16.48 7.82 -11.33
N THR A 14 -17.64 7.19 -11.19
CA THR A 14 -17.82 6.23 -10.11
C THR A 14 -16.82 5.09 -10.20
N LEU A 15 -16.43 4.73 -11.42
CA LEU A 15 -15.47 3.63 -11.61
C LEU A 15 -14.09 4.04 -11.16
N GLU A 16 -13.57 5.15 -11.71
CA GLU A 16 -12.26 5.64 -11.32
C GLU A 16 -12.20 5.86 -9.81
N LEU A 17 -13.26 6.43 -9.22
CA LEU A 17 -13.31 6.62 -7.79
C LEU A 17 -13.26 5.30 -7.04
N GLU A 18 -14.07 4.33 -7.48
CA GLU A 18 -14.02 3.02 -6.85
C GLU A 18 -12.67 2.36 -7.06
N LYS A 19 -12.03 2.63 -8.21
CA LYS A 19 -10.69 2.10 -8.45
C LYS A 19 -9.69 2.64 -7.44
N GLU A 20 -9.64 3.97 -7.28
CA GLU A 20 -8.71 4.55 -6.31
C GLU A 20 -8.97 4.02 -4.91
N PHE A 21 -10.26 3.82 -4.56
CA PHE A 21 -10.60 3.35 -3.22
C PHE A 21 -10.12 1.93 -2.96
N HIS A 22 -9.87 1.15 -4.01
CA HIS A 22 -9.36 -0.21 -3.81
C HIS A 22 -7.97 -0.20 -3.20
N PHE A 23 -7.21 0.88 -3.39
CA PHE A 23 -5.84 0.99 -2.89
C PHE A 23 -5.75 1.82 -1.63
N ASN A 24 -6.32 3.03 -1.65
CA ASN A 24 -6.23 3.98 -0.53
C ASN A 24 -7.64 4.24 -0.03
N ARG A 25 -7.98 3.65 1.12
CA ARG A 25 -9.28 3.94 1.69
CA ARG A 25 -9.26 3.91 1.76
C ARG A 25 -9.36 5.36 2.27
N TYR A 26 -8.23 6.02 2.49
CA TYR A 26 -8.18 7.43 2.86
C TYR A 26 -7.24 8.17 1.89
N LEU A 27 -7.50 9.45 1.70
CA LEU A 27 -6.84 10.25 0.67
C LEU A 27 -6.14 11.47 1.26
N THR A 28 -4.92 11.76 0.79
CA THR A 28 -4.23 12.99 1.19
C THR A 28 -4.77 14.15 0.36
N ARG A 29 -4.49 15.37 0.84
CA ARG A 29 -5.05 16.53 0.18
C ARG A 29 -4.56 16.65 -1.26
N ARG A 30 -3.29 16.32 -1.49
CA ARG A 30 -2.77 16.39 -2.85
C ARG A 30 -3.45 15.35 -3.74
N ARG A 31 -3.69 14.15 -3.21
CA ARG A 31 -4.34 13.12 -4.01
C ARG A 31 -5.77 13.52 -4.35
N ARG A 32 -6.48 14.19 -3.43
CA ARG A 32 -7.85 14.64 -3.73
C ARG A 32 -7.86 15.68 -4.84
N ILE A 33 -6.95 16.66 -4.80
CA ILE A 33 -6.91 17.64 -5.88
C ILE A 33 -6.65 16.96 -7.22
N GLU A 34 -5.72 16.00 -7.25
CA GLU A 34 -5.46 15.26 -8.49
C GLU A 34 -6.74 14.63 -9.03
N ILE A 35 -7.41 13.80 -8.22
CA ILE A 35 -8.61 13.10 -8.67
C ILE A 35 -9.68 14.09 -9.10
N ALA A 36 -9.84 15.17 -8.33
CA ALA A 36 -10.81 16.19 -8.69
C ALA A 36 -10.59 16.68 -10.12
N HIS A 37 -9.37 17.14 -10.43
CA HIS A 37 -9.07 17.62 -11.77
C HIS A 37 -9.25 16.51 -12.80
N ALA A 38 -8.83 15.29 -12.46
CA ALA A 38 -8.90 14.17 -13.39
C ALA A 38 -10.33 13.88 -13.80
N LEU A 39 -11.27 14.03 -12.88
CA LEU A 39 -12.65 13.64 -13.13
C LEU A 39 -13.60 14.83 -13.28
N SER A 40 -13.09 16.07 -13.26
CA SER A 40 -13.93 17.27 -13.27
C SER A 40 -14.93 17.26 -12.11
N LEU A 41 -14.39 17.08 -10.91
CA LEU A 41 -15.16 17.17 -9.69
C LEU A 41 -14.47 18.14 -8.74
N THR A 42 -15.20 18.56 -7.73
CA THR A 42 -14.68 19.44 -6.70
C THR A 42 -13.92 18.65 -5.65
N GLU A 43 -12.87 19.26 -5.10
CA GLU A 43 -12.18 18.67 -3.96
C GLU A 43 -13.16 18.31 -2.85
N ARG A 44 -14.12 19.21 -2.56
CA ARG A 44 -15.14 18.91 -1.57
C ARG A 44 -15.96 17.69 -1.94
N GLN A 45 -16.32 17.56 -3.23
CA GLN A 45 -17.12 16.41 -3.66
C GLN A 45 -16.33 15.12 -3.52
N ILE A 46 -15.03 15.17 -3.83
CA ILE A 46 -14.18 14.00 -3.64
C ILE A 46 -14.08 13.63 -2.17
N LYS A 47 -13.93 14.64 -1.31
CA LYS A 47 -13.86 14.38 0.13
C LYS A 47 -15.10 13.64 0.61
N ILE A 48 -16.28 14.15 0.25
CA ILE A 48 -17.55 13.57 0.69
C ILE A 48 -17.73 12.17 0.13
N TRP A 49 -17.39 11.97 -1.16
CA TRP A 49 -17.55 10.65 -1.77
C TRP A 49 -16.78 9.60 -0.98
N PHE A 50 -15.48 9.86 -0.74
CA PHE A 50 -14.70 8.92 0.06
C PHE A 50 -15.31 8.73 1.44
N GLN A 51 -15.90 9.77 2.01
CA GLN A 51 -16.56 9.61 3.31
C GLN A 51 -17.72 8.63 3.20
N ASN A 52 -18.66 8.88 2.28
CA ASN A 52 -19.80 7.98 2.13
C ASN A 52 -19.34 6.57 1.77
N ARG A 53 -18.46 6.45 0.79
CA ARG A 53 -17.96 5.13 0.41
C ARG A 53 -17.28 4.44 1.58
N ARG A 54 -16.64 5.20 2.46
CA ARG A 54 -16.05 4.60 3.65
C ARG A 54 -17.12 4.05 4.57
N MET A 55 -18.26 4.72 4.65
CA MET A 55 -19.34 4.29 5.53
C MET A 55 -19.93 2.96 5.08
N LYS A 56 -20.17 2.82 3.76
CA LYS A 56 -20.65 1.55 3.24
C LYS A 56 -19.67 0.42 3.51
N TRP A 57 -18.36 0.71 3.43
CA TRP A 57 -17.35 -0.32 3.65
C TRP A 57 -17.32 -0.81 5.09
N LYS A 58 -17.74 0.01 6.05
CA LYS A 58 -17.75 -0.43 7.45
C LYS A 58 -18.94 -1.36 7.74
N LYS A 59 -20.12 -1.03 7.23
CA LYS A 59 -21.31 -1.84 7.48
C LYS A 59 -21.18 -3.22 6.82
N GLU A 60 -20.62 -3.26 5.61
CA GLU A 60 -20.49 -4.53 4.90
C GLU A 60 -19.43 -5.43 5.54
N ASN A 61 -18.43 -4.85 6.21
CA ASN A 61 -17.42 -5.63 6.92
C ASN A 61 -17.59 -5.51 8.44
N ARG D 6 17.40 5.42 12.53
CA ARG D 6 16.98 4.55 11.43
C ARG D 6 18.03 4.43 10.32
N GLN D 7 18.27 3.19 9.89
CA GLN D 7 19.25 2.87 8.86
C GLN D 7 18.52 2.47 7.58
N THR D 8 18.90 3.08 6.46
CA THR D 8 18.30 2.82 5.15
C THR D 8 19.16 1.84 4.36
N TYR D 9 18.52 0.81 3.80
CA TYR D 9 19.23 -0.32 3.20
C TYR D 9 19.66 -0.03 1.78
N THR D 10 20.90 -0.41 1.47
CA THR D 10 21.48 -0.16 0.16
C THR D 10 20.71 -0.90 -0.92
N ARG D 11 21.03 -0.57 -2.18
N ARG D 11 21.01 -0.56 -2.18
CA ARG D 11 20.40 -1.26 -3.29
CA ARG D 11 20.40 -1.26 -3.30
C ARG D 11 20.75 -2.75 -3.28
C ARG D 11 20.74 -2.74 -3.25
N TYR D 12 21.97 -3.08 -2.88
CA TYR D 12 22.38 -4.47 -2.83
C TYR D 12 21.59 -5.25 -1.78
N GLN D 13 21.50 -4.71 -0.57
CA GLN D 13 20.79 -5.41 0.50
C GLN D 13 19.33 -5.66 0.13
N THR D 14 18.61 -4.61 -0.26
CA THR D 14 17.20 -4.76 -0.58
C THR D 14 16.98 -5.76 -1.71
N LEU D 15 17.92 -5.81 -2.66
CA LEU D 15 17.75 -6.71 -3.79
C LEU D 15 17.98 -8.16 -3.38
N GLU D 16 19.13 -8.45 -2.76
CA GLU D 16 19.39 -9.80 -2.28
C GLU D 16 18.27 -10.32 -1.41
N LEU D 17 17.75 -9.48 -0.50
CA LEU D 17 16.60 -9.86 0.32
C LEU D 17 15.37 -10.12 -0.54
N GLU D 18 15.11 -9.25 -1.52
CA GLU D 18 13.96 -9.45 -2.40
C GLU D 18 14.09 -10.73 -3.20
N LYS D 19 15.32 -11.08 -3.60
CA LYS D 19 15.56 -12.33 -4.30
C LYS D 19 15.24 -13.52 -3.40
N GLU D 20 15.76 -13.49 -2.16
CA GLU D 20 15.50 -14.56 -1.21
C GLU D 20 13.99 -14.79 -1.04
N PHE D 21 13.23 -13.70 -1.02
CA PHE D 21 11.78 -13.77 -0.85
C PHE D 21 11.08 -14.37 -2.07
N HIS D 22 11.72 -14.32 -3.25
CA HIS D 22 11.11 -14.94 -4.43
C HIS D 22 11.03 -16.46 -4.28
N PHE D 23 11.89 -17.05 -3.46
CA PHE D 23 11.94 -18.49 -3.25
C PHE D 23 11.24 -18.91 -1.96
N ASN D 24 11.60 -18.29 -0.84
CA ASN D 24 11.09 -18.68 0.48
C ASN D 24 10.38 -17.49 1.10
N ARG D 25 9.04 -17.50 1.10
CA ARG D 25 8.30 -16.47 1.82
CA ARG D 25 8.30 -16.47 1.82
C ARG D 25 8.60 -16.51 3.31
N TYR D 26 9.10 -17.64 3.82
CA TYR D 26 9.49 -17.77 5.21
C TYR D 26 10.94 -18.24 5.27
N LEU D 27 11.61 -17.91 6.36
CA LEU D 27 13.04 -18.13 6.49
C LEU D 27 13.34 -19.05 7.66
N THR D 28 14.22 -20.01 7.43
CA THR D 28 14.68 -20.85 8.53
C THR D 28 15.76 -20.15 9.33
N ARG D 29 16.00 -20.66 10.54
CA ARG D 29 16.94 -20.01 11.44
C ARG D 29 18.35 -20.03 10.87
N ARG D 30 18.74 -21.12 10.22
CA ARG D 30 20.08 -21.19 9.64
C ARG D 30 20.22 -20.21 8.47
N ARG D 31 19.18 -20.10 7.64
CA ARG D 31 19.25 -19.19 6.50
C ARG D 31 19.36 -17.73 6.97
N ARG D 32 18.66 -17.38 8.05
CA ARG D 32 18.71 -16.02 8.56
C ARG D 32 20.10 -15.65 9.08
N ILE D 33 20.75 -16.56 9.81
CA ILE D 33 22.12 -16.30 10.25
C ILE D 33 23.02 -16.07 9.05
N GLU D 34 22.87 -16.90 8.02
CA GLU D 34 23.63 -16.75 6.79
C GLU D 34 23.42 -15.36 6.20
N ILE D 35 22.16 -15.00 5.95
CA ILE D 35 21.86 -13.71 5.31
C ILE D 35 22.38 -12.55 6.15
N ALA D 36 22.16 -12.58 7.47
CA ALA D 36 22.66 -11.52 8.35
C ALA D 36 24.16 -11.30 8.16
N HIS D 37 24.94 -12.36 8.32
CA HIS D 37 26.38 -12.23 8.09
CA HIS D 37 26.39 -12.22 8.10
C HIS D 37 26.69 -11.81 6.67
N ALA D 38 25.95 -12.34 5.69
CA ALA D 38 26.21 -12.04 4.29
C ALA D 38 26.04 -10.57 4.00
N LEU D 39 25.06 -9.92 4.64
CA LEU D 39 24.71 -8.54 4.33
C LEU D 39 25.13 -7.55 5.41
N SER D 40 25.82 -8.01 6.45
CA SER D 40 26.23 -7.15 7.58
C SER D 40 25.02 -6.43 8.18
N LEU D 41 24.00 -7.21 8.50
CA LEU D 41 22.81 -6.72 9.17
C LEU D 41 22.57 -7.56 10.41
N THR D 42 21.71 -7.05 11.28
CA THR D 42 21.40 -7.79 12.49
C THR D 42 20.43 -8.90 12.16
N GLU D 43 20.62 -10.05 12.82
CA GLU D 43 19.65 -11.14 12.69
C GLU D 43 18.24 -10.66 12.99
N ARG D 44 18.10 -9.77 13.97
CA ARG D 44 16.80 -9.17 14.25
C ARG D 44 16.28 -8.40 13.03
N GLN D 45 17.17 -7.68 12.33
CA GLN D 45 16.72 -6.89 11.19
C GLN D 45 16.20 -7.76 10.06
N ILE D 46 16.82 -8.92 9.83
CA ILE D 46 16.31 -9.83 8.80
C ILE D 46 14.93 -10.34 9.18
N LYS D 47 14.73 -10.68 10.46
CA LYS D 47 13.43 -11.17 10.91
C LYS D 47 12.35 -10.14 10.62
N ILE D 48 12.60 -8.88 10.99
CA ILE D 48 11.63 -7.81 10.82
C ILE D 48 11.37 -7.56 9.34
N TRP D 49 12.43 -7.56 8.52
CA TRP D 49 12.29 -7.32 7.09
C TRP D 49 11.34 -8.33 6.46
N PHE D 50 11.58 -9.61 6.70
CA PHE D 50 10.66 -10.61 6.14
C PHE D 50 9.26 -10.41 6.68
N GLN D 51 9.15 -9.97 7.95
CA GLN D 51 7.85 -9.64 8.51
C GLN D 51 7.20 -8.52 7.71
N ASN D 52 7.90 -7.40 7.57
CA ASN D 52 7.36 -6.28 6.80
C ASN D 52 7.08 -6.68 5.35
N ARG D 53 8.04 -7.35 4.71
CA ARG D 53 7.83 -7.76 3.32
C ARG D 53 6.65 -8.71 3.18
N ARG D 54 6.45 -9.56 4.18
CA ARG D 54 5.27 -10.43 4.17
C ARG D 54 3.99 -9.62 4.29
N MET D 55 4.04 -8.50 5.00
CA MET D 55 2.85 -7.64 5.11
C MET D 55 2.51 -7.03 3.76
N LYS D 56 3.51 -6.46 3.08
CA LYS D 56 3.27 -5.87 1.77
C LYS D 56 2.77 -6.91 0.78
N TRP D 57 3.23 -8.16 0.88
CA TRP D 57 2.76 -9.17 -0.06
C TRP D 57 1.28 -9.45 0.11
N LYS D 58 0.72 -9.20 1.29
CA LYS D 58 -0.70 -9.43 1.51
C LYS D 58 -1.55 -8.36 0.84
N LYS D 59 -1.09 -7.10 0.88
CA LYS D 59 -1.84 -6.01 0.26
C LYS D 59 -1.84 -6.11 -1.27
N GLU D 60 -0.71 -6.47 -1.87
CA GLU D 60 -0.60 -6.50 -3.33
C GLU D 60 -1.43 -7.62 -3.95
N ASN D 61 -1.64 -8.72 -3.23
CA ASN D 61 -2.48 -9.80 -3.71
C ASN D 61 -3.81 -9.90 -2.95
#